data_7WOC
#
_entry.id   7WOC
#
_cell.length_a   1.00
_cell.length_b   1.00
_cell.length_c   1.00
_cell.angle_alpha   90.00
_cell.angle_beta   90.00
_cell.angle_gamma   90.00
#
_symmetry.space_group_name_H-M   'P 1'
#
loop_
_entity.id
_entity.type
_entity.pdbx_description
1 polymer 'Spike protein S1'
2 polymer 'mAb60 VH'
3 polymer 'mAb60 VL'
4 non-polymer 2-acetamido-2-deoxy-beta-D-glucopyranose
#
loop_
_entity_poly.entity_id
_entity_poly.type
_entity_poly.pdbx_seq_one_letter_code
_entity_poly.pdbx_strand_id
1 'polypeptide(L)'
;NLCPFGEVFNATRFASVYAWNRKRISNCVADYSVLYNSASFSTFKCYGVSPTKLNDLCFTNVYADSFVIRGDEVRQIAPG
QTGKIADYNYKLPDDFTGCVIAWNSNNLDSKVGGNYNYLYRLFRKSNLKPFERDISTEIYQAGSTPCNGVEGFNCYFPLQ
SYGFQPTNGVGYQPYRVVVLSFELLHAPATVCGP
;
C
2 'polypeptide(L)'
;QVQLVQSGAEVKRPGSSVKVSCKASGDTFINYAFSWVRQAPGQGLEWMGRIIPILDIAHYAQKFQGRLTITADKSTDTAY
MELTSLKSDDTAVYFCARVFRGSQYWFDPWGQGTLVTVSSASTKGPSVFPLAPSSKSTSGGTAALGCLVKDYFPEPVTVS
WNSGALTSGVHTFPAVLQSSGLYSLSSVVTVPSSSLGTQTYICNVNHKPSNTKVDKRVEPKSCDKT
;
A
3 'polypeptide(L)'
;EIVLTQSPGTLSLSPGERATLSCRASQSINNRHLAWYQQKRGQAPRFLIYGAASRATGIPDRFSGSGSGTDFTLTISRLE
PEDFAVYYCQQYGSSPPTFGQGTKVEIKRTVAAPSVFIFPPSDEQLKSGTASVVCLLNNFYPREAKVQWKVDNALQSGNS
QESVTEQDSKDSTYSLSSTLTLSKADYEKHKVYACEVTHQGLSSPVTKSFNRGEC
;
B
#
# COMPACT_ATOMS: atom_id res chain seq x y z
N ASN A 1 -39.71 -22.28 30.76
CA ASN A 1 -39.61 -22.15 32.21
C ASN A 1 -38.17 -22.34 32.68
N LEU A 2 -37.51 -23.35 32.14
CA LEU A 2 -36.12 -23.63 32.50
C LEU A 2 -35.21 -22.50 32.07
N CYS A 3 -34.18 -22.24 32.88
CA CYS A 3 -33.28 -21.14 32.58
C CYS A 3 -32.34 -21.54 31.44
N PRO A 4 -32.13 -20.64 30.46
CA PRO A 4 -31.26 -20.99 29.33
C PRO A 4 -29.78 -21.03 29.71
N PHE A 5 -29.21 -22.22 29.76
CA PHE A 5 -27.78 -22.40 30.00
C PHE A 5 -27.04 -22.95 28.79
N GLY A 6 -27.73 -23.16 27.67
CA GLY A 6 -27.11 -23.63 26.45
C GLY A 6 -26.46 -22.56 25.62
N GLU A 7 -26.51 -21.30 26.06
CA GLU A 7 -25.86 -20.19 25.37
C GLU A 7 -24.62 -19.69 26.09
N VAL A 8 -24.34 -20.19 27.28
CA VAL A 8 -23.14 -19.80 28.01
C VAL A 8 -22.16 -20.95 28.20
N PHE A 9 -22.60 -22.21 28.12
CA PHE A 9 -21.71 -23.35 28.18
C PHE A 9 -21.54 -24.05 26.83
N ASN A 10 -22.61 -24.17 26.05
CA ASN A 10 -22.55 -24.78 24.73
C ASN A 10 -22.50 -23.75 23.61
N ALA A 11 -22.02 -22.54 23.90
CA ALA A 11 -21.90 -21.52 22.87
C ALA A 11 -20.84 -21.91 21.85
N THR A 12 -21.18 -21.81 20.58
CA THR A 12 -20.25 -22.21 19.52
C THR A 12 -19.05 -21.27 19.47
N ARG A 13 -19.27 -19.97 19.72
CA ARG A 13 -18.22 -18.98 19.68
C ARG A 13 -18.19 -18.22 20.99
N PHE A 14 -17.05 -18.24 21.67
CA PHE A 14 -16.85 -17.49 22.89
C PHE A 14 -16.17 -16.15 22.58
N ALA A 15 -15.82 -15.41 23.62
CA ALA A 15 -15.20 -14.10 23.48
C ALA A 15 -13.80 -14.12 24.06
N SER A 16 -13.08 -13.03 23.86
CA SER A 16 -11.73 -12.89 24.37
C SER A 16 -11.76 -12.56 25.86
N VAL A 17 -10.57 -12.41 26.45
CA VAL A 17 -10.48 -12.16 27.89
C VAL A 17 -10.87 -10.72 28.21
N TYR A 18 -10.42 -9.77 27.40
CA TYR A 18 -10.72 -8.36 27.64
C TYR A 18 -12.11 -7.97 27.20
N ALA A 19 -12.78 -8.79 26.39
CA ALA A 19 -14.12 -8.48 25.91
C ALA A 19 -15.11 -9.58 26.34
N TRP A 20 -15.03 -10.00 27.60
CA TRP A 20 -15.91 -11.04 28.10
C TRP A 20 -17.37 -10.60 28.03
N ASN A 21 -18.24 -11.55 27.70
CA ASN A 21 -19.66 -11.27 27.51
C ASN A 21 -20.40 -11.53 28.81
N ARG A 22 -21.05 -10.49 29.35
CA ARG A 22 -21.85 -10.62 30.56
C ARG A 22 -23.32 -10.83 30.17
N LYS A 23 -23.94 -11.86 30.72
CA LYS A 23 -25.31 -12.21 30.41
C LYS A 23 -26.14 -12.22 31.69
N ARG A 24 -27.19 -11.41 31.71
CA ARG A 24 -28.10 -11.35 32.84
C ARG A 24 -29.24 -12.33 32.63
N ILE A 25 -29.42 -13.25 33.57
CA ILE A 25 -30.47 -14.26 33.51
C ILE A 25 -31.26 -14.21 34.80
N SER A 26 -32.54 -13.84 34.70
CA SER A 26 -33.42 -13.75 35.85
C SER A 26 -34.80 -14.25 35.47
N ASN A 27 -35.67 -14.36 36.49
CA ASN A 27 -37.04 -14.84 36.32
C ASN A 27 -37.06 -16.21 35.64
N CYS A 28 -36.47 -17.19 36.32
CA CYS A 28 -36.32 -18.53 35.77
C CYS A 28 -36.07 -19.49 36.92
N VAL A 29 -36.14 -20.79 36.59
CA VAL A 29 -35.74 -21.86 37.50
C VAL A 29 -34.43 -22.44 36.97
N ALA A 30 -33.41 -22.45 37.82
CA ALA A 30 -32.05 -22.84 37.42
C ALA A 30 -31.56 -23.95 38.34
N ASP A 31 -31.34 -25.13 37.78
CA ASP A 31 -30.75 -26.25 38.50
C ASP A 31 -29.27 -26.32 38.21
N TYR A 32 -28.45 -26.31 39.25
CA TYR A 32 -27.00 -26.30 39.11
C TYR A 32 -26.37 -27.67 39.37
N SER A 33 -27.14 -28.65 39.80
CA SER A 33 -26.59 -29.98 40.09
C SER A 33 -26.27 -30.76 38.82
N VAL A 34 -26.92 -30.44 37.70
CA VAL A 34 -26.66 -31.16 36.46
C VAL A 34 -25.31 -30.83 35.85
N LEU A 35 -24.63 -29.79 36.35
CA LEU A 35 -23.30 -29.44 35.87
C LEU A 35 -22.20 -30.10 36.68
N TYR A 36 -22.44 -30.35 37.97
CA TYR A 36 -21.43 -30.98 38.81
C TYR A 36 -21.26 -32.45 38.45
N ASN A 37 -22.35 -33.21 38.46
CA ASN A 37 -22.27 -34.64 38.17
C ASN A 37 -22.06 -34.93 36.69
N SER A 38 -22.05 -33.90 35.84
CA SER A 38 -21.83 -34.12 34.41
C SER A 38 -20.43 -34.66 34.14
N ALA A 39 -19.47 -34.31 34.99
CA ALA A 39 -18.08 -34.77 34.86
C ALA A 39 -17.48 -34.39 33.51
N SER A 40 -17.89 -33.25 32.97
CA SER A 40 -17.37 -32.73 31.72
C SER A 40 -16.57 -31.45 31.89
N PHE A 41 -16.19 -31.11 33.11
CA PHE A 41 -15.44 -29.91 33.43
C PHE A 41 -14.10 -30.29 34.05
N SER A 42 -13.35 -29.27 34.47
CA SER A 42 -12.08 -29.45 35.13
C SER A 42 -12.01 -28.79 36.49
N THR A 43 -12.60 -27.60 36.64
CA THR A 43 -12.64 -26.89 37.91
C THR A 43 -14.06 -26.44 38.17
N PHE A 44 -14.53 -26.65 39.40
CA PHE A 44 -15.88 -26.26 39.80
C PHE A 44 -15.82 -25.60 41.18
N LYS A 45 -14.86 -24.71 41.36
CA LYS A 45 -14.65 -24.04 42.64
C LYS A 45 -15.79 -23.06 42.90
N CYS A 46 -16.61 -23.35 43.91
CA CYS A 46 -17.70 -22.47 44.33
C CYS A 46 -17.22 -21.61 45.48
N TYR A 47 -17.12 -20.30 45.24
CA TYR A 47 -16.70 -19.36 46.26
C TYR A 47 -17.91 -18.76 46.97
N GLY A 48 -17.87 -18.74 48.29
CA GLY A 48 -19.00 -18.26 49.07
C GLY A 48 -20.07 -19.31 49.24
N VAL A 49 -20.71 -19.69 48.14
CA VAL A 49 -21.71 -20.75 48.17
C VAL A 49 -21.00 -22.11 48.10
N SER A 50 -21.73 -23.17 48.41
CA SER A 50 -21.16 -24.50 48.37
C SER A 50 -21.51 -25.18 47.05
N PRO A 51 -20.69 -26.14 46.60
CA PRO A 51 -21.03 -26.88 45.37
C PRO A 51 -22.35 -27.61 45.46
N THR A 52 -22.79 -27.98 46.65
CA THR A 52 -24.10 -28.57 46.87
C THR A 52 -25.02 -27.55 47.54
N LYS A 53 -26.27 -27.96 47.76
CA LYS A 53 -27.31 -27.15 48.37
C LYS A 53 -27.63 -25.88 47.58
N LEU A 54 -27.13 -25.77 46.34
CA LEU A 54 -27.44 -24.64 45.49
C LEU A 54 -28.74 -24.79 44.74
N ASN A 55 -29.32 -25.99 44.70
CA ASN A 55 -30.64 -26.21 44.12
C ASN A 55 -31.76 -25.93 45.10
N ASP A 56 -31.45 -25.52 46.33
CA ASP A 56 -32.45 -25.21 47.34
C ASP A 56 -32.40 -23.75 47.75
N LEU A 57 -31.83 -22.88 46.92
CA LEU A 57 -31.73 -21.46 47.21
C LEU A 57 -32.27 -20.66 46.02
N CYS A 58 -32.94 -19.56 46.32
CA CYS A 58 -33.50 -18.66 45.31
C CYS A 58 -32.62 -17.42 45.23
N PHE A 59 -32.08 -17.15 44.05
CA PHE A 59 -31.18 -16.03 43.85
C PHE A 59 -31.92 -14.85 43.23
N THR A 60 -31.44 -13.65 43.53
CA THR A 60 -32.07 -12.43 43.02
C THR A 60 -31.79 -12.27 41.52
N ASN A 61 -30.52 -12.16 41.15
CA ASN A 61 -30.14 -11.99 39.75
C ASN A 61 -28.72 -12.49 39.58
N VAL A 62 -28.54 -13.53 38.77
CA VAL A 62 -27.23 -14.11 38.54
C VAL A 62 -26.73 -13.70 37.16
N TYR A 63 -25.41 -13.72 37.00
CA TYR A 63 -24.76 -13.37 35.75
C TYR A 63 -23.96 -14.56 35.24
N ALA A 64 -23.40 -14.41 34.04
CA ALA A 64 -22.62 -15.48 33.42
C ALA A 64 -21.54 -14.83 32.57
N ASP A 65 -20.33 -14.72 33.12
CA ASP A 65 -19.19 -14.15 32.41
C ASP A 65 -18.41 -15.28 31.74
N SER A 66 -18.31 -15.22 30.41
CA SER A 66 -17.68 -16.27 29.62
C SER A 66 -16.50 -15.70 28.86
N PHE A 67 -15.36 -16.40 28.91
CA PHE A 67 -14.16 -16.01 28.18
C PHE A 67 -13.26 -17.23 28.07
N VAL A 68 -12.20 -17.08 27.27
CA VAL A 68 -11.26 -18.16 26.99
C VAL A 68 -9.87 -17.71 27.38
N ILE A 69 -9.24 -18.44 28.30
CA ILE A 69 -7.88 -18.17 28.76
C ILE A 69 -7.06 -19.43 28.59
N ARG A 70 -5.78 -19.35 28.97
CA ARG A 70 -4.88 -20.49 28.90
C ARG A 70 -4.85 -21.22 30.24
N GLY A 71 -4.23 -22.40 30.23
CA GLY A 71 -4.23 -23.27 31.41
C GLY A 71 -3.46 -22.71 32.58
N ASP A 72 -2.41 -21.93 32.33
CA ASP A 72 -1.59 -21.37 33.40
C ASP A 72 -2.18 -20.11 34.00
N GLU A 73 -3.33 -19.64 33.50
CA GLU A 73 -3.98 -18.44 34.01
C GLU A 73 -5.35 -18.72 34.61
N VAL A 74 -5.68 -19.99 34.85
CA VAL A 74 -6.98 -20.31 35.44
C VAL A 74 -7.00 -19.99 36.92
N ARG A 75 -5.86 -20.12 37.61
CA ARG A 75 -5.79 -19.82 39.03
C ARG A 75 -6.01 -18.34 39.32
N GLN A 76 -5.78 -17.47 38.34
CA GLN A 76 -5.98 -16.03 38.56
C GLN A 76 -7.45 -15.66 38.62
N ILE A 77 -8.35 -16.53 38.19
CA ILE A 77 -9.79 -16.26 38.24
C ILE A 77 -10.26 -16.76 39.60
N ALA A 78 -10.10 -15.91 40.60
CA ALA A 78 -10.45 -16.23 41.98
C ALA A 78 -10.47 -14.95 42.82
N PRO A 79 -11.26 -14.90 43.89
CA PRO A 79 -11.28 -13.70 44.73
C PRO A 79 -9.93 -13.45 45.39
N GLY A 80 -9.38 -12.27 45.15
CA GLY A 80 -8.12 -11.88 45.76
C GLY A 80 -6.92 -12.58 45.15
N GLN A 81 -6.64 -12.30 43.88
CA GLN A 81 -5.49 -12.87 43.19
C GLN A 81 -4.71 -11.75 42.52
N THR A 82 -3.65 -12.13 41.80
CA THR A 82 -2.80 -11.18 41.10
C THR A 82 -2.22 -11.85 39.87
N GLY A 83 -1.49 -11.08 39.07
CA GLY A 83 -0.89 -11.59 37.86
C GLY A 83 -1.08 -10.67 36.66
N LYS A 84 -1.71 -11.19 35.62
CA LYS A 84 -1.96 -10.41 34.41
C LYS A 84 -3.42 -10.40 34.02
N ILE A 85 -4.14 -11.51 34.21
CA ILE A 85 -5.56 -11.53 33.89
C ILE A 85 -6.37 -10.84 34.97
N ALA A 86 -6.03 -11.07 36.24
CA ALA A 86 -6.76 -10.44 37.33
C ALA A 86 -6.41 -8.97 37.51
N ASP A 87 -5.42 -8.46 36.80
CA ASP A 87 -5.00 -7.07 36.94
C ASP A 87 -5.44 -6.17 35.78
N TYR A 88 -5.44 -6.70 34.56
CA TYR A 88 -5.78 -5.89 33.39
C TYR A 88 -6.88 -6.47 32.53
N ASN A 89 -7.30 -7.72 32.74
CA ASN A 89 -8.26 -8.38 31.87
C ASN A 89 -9.59 -8.66 32.56
N TYR A 90 -9.59 -9.32 33.71
CA TYR A 90 -10.84 -9.67 34.39
C TYR A 90 -10.54 -9.78 35.88
N LYS A 91 -11.11 -8.86 36.67
CA LYS A 91 -10.87 -8.79 38.10
C LYS A 91 -12.13 -9.24 38.85
N LEU A 92 -11.92 -10.09 39.85
CA LEU A 92 -12.98 -10.56 40.75
C LEU A 92 -12.87 -9.90 42.11
N PRO A 93 -13.99 -9.50 42.70
CA PRO A 93 -13.93 -8.86 44.02
C PRO A 93 -13.53 -9.84 45.11
N ASP A 94 -13.09 -9.28 46.24
CA ASP A 94 -12.68 -10.10 47.37
C ASP A 94 -13.86 -10.82 48.01
N ASP A 95 -15.06 -10.24 47.91
CA ASP A 95 -16.27 -10.84 48.46
C ASP A 95 -17.12 -11.49 47.37
N PHE A 96 -16.49 -12.09 46.38
CA PHE A 96 -17.21 -12.70 45.28
C PHE A 96 -17.91 -13.98 45.75
N THR A 97 -19.20 -14.08 45.46
CA THR A 97 -20.00 -15.26 45.78
C THR A 97 -20.47 -15.88 44.47
N GLY A 98 -20.17 -17.16 44.30
CA GLY A 98 -20.53 -17.87 43.08
C GLY A 98 -19.56 -19.02 42.85
N CYS A 99 -19.65 -19.57 41.64
CA CYS A 99 -18.83 -20.72 41.25
C CYS A 99 -18.08 -20.39 39.97
N VAL A 100 -16.80 -20.78 39.94
CA VAL A 100 -15.96 -20.61 38.76
C VAL A 100 -15.87 -21.94 38.04
N ILE A 101 -16.39 -21.99 36.81
CA ILE A 101 -16.46 -23.21 36.02
C ILE A 101 -15.52 -23.06 34.84
N ALA A 102 -14.63 -24.02 34.65
CA ALA A 102 -13.69 -24.02 33.54
C ALA A 102 -13.44 -25.45 33.07
N TRP A 103 -13.21 -25.59 31.76
CA TRP A 103 -12.95 -26.89 31.17
C TRP A 103 -12.06 -26.72 29.95
N ASN A 104 -11.27 -27.75 29.65
CA ASN A 104 -10.37 -27.71 28.50
C ASN A 104 -11.18 -27.70 27.21
N SER A 105 -10.80 -26.81 26.29
CA SER A 105 -11.47 -26.69 25.00
C SER A 105 -10.46 -26.71 23.86
N ASN A 106 -9.36 -27.46 24.02
CA ASN A 106 -8.35 -27.53 22.98
C ASN A 106 -8.82 -28.28 21.74
N ASN A 107 -9.88 -29.09 21.87
CA ASN A 107 -10.34 -29.88 20.72
C ASN A 107 -11.01 -29.01 19.67
N LEU A 108 -11.51 -27.83 20.05
CA LEU A 108 -12.23 -26.98 19.12
C LEU A 108 -11.75 -25.53 19.10
N ASP A 109 -10.96 -25.09 20.09
CA ASP A 109 -10.46 -23.72 20.13
C ASP A 109 -8.97 -23.65 19.83
N SER A 110 -8.45 -24.63 19.09
CA SER A 110 -7.03 -24.68 18.73
C SER A 110 -6.94 -24.91 17.22
N LYS A 111 -6.90 -23.82 16.46
CA LYS A 111 -6.77 -23.92 15.01
C LYS A 111 -5.38 -24.44 14.64
N VAL A 112 -5.33 -25.29 13.62
CA VAL A 112 -4.07 -25.85 13.17
C VAL A 112 -3.19 -24.73 12.62
N GLY A 113 -2.02 -24.56 13.20
CA GLY A 113 -1.10 -23.52 12.80
C GLY A 113 -1.11 -22.28 13.66
N GLY A 114 -1.84 -22.27 14.77
CA GLY A 114 -1.90 -21.12 15.64
C GLY A 114 -3.18 -20.33 15.52
N ASN A 115 -4.05 -20.43 16.51
CA ASN A 115 -5.31 -19.69 16.52
C ASN A 115 -5.07 -18.28 17.05
N TYR A 116 -5.25 -17.28 16.19
CA TYR A 116 -5.00 -15.89 16.54
C TYR A 116 -6.30 -15.10 16.70
N ASN A 117 -7.37 -15.77 17.12
CA ASN A 117 -8.66 -15.10 17.29
C ASN A 117 -8.91 -14.65 18.72
N TYR A 118 -8.22 -15.23 19.70
CA TYR A 118 -8.37 -14.85 21.10
C TYR A 118 -7.21 -13.96 21.53
N LEU A 119 -7.54 -12.81 22.09
CA LEU A 119 -6.56 -11.83 22.53
C LEU A 119 -6.65 -11.64 24.04
N TYR A 120 -5.64 -10.95 24.58
CA TYR A 120 -5.61 -10.61 26.00
C TYR A 120 -4.78 -9.36 26.18
N ARG A 121 -5.19 -8.53 27.14
CA ARG A 121 -4.50 -7.28 27.41
C ARG A 121 -3.20 -7.57 28.15
N LEU A 122 -2.08 -7.09 27.59
CA LEU A 122 -0.77 -7.40 28.17
C LEU A 122 -0.49 -6.51 29.38
N PHE A 123 -0.62 -5.20 29.23
CA PHE A 123 -0.37 -4.27 30.32
C PHE A 123 -1.14 -2.98 30.08
N ARG A 124 -1.60 -2.37 31.18
CA ARG A 124 -2.33 -1.12 31.14
C ARG A 124 -1.75 -0.18 32.19
N LYS A 125 -2.28 1.04 32.24
CA LYS A 125 -1.78 2.03 33.20
C LYS A 125 -2.11 1.63 34.64
N SER A 126 -3.40 1.49 34.94
CA SER A 126 -3.86 1.14 36.28
C SER A 126 -4.46 -0.26 36.27
N ASN A 127 -4.68 -0.79 37.48
CA ASN A 127 -5.27 -2.10 37.62
C ASN A 127 -6.77 -2.05 37.33
N LEU A 128 -7.32 -3.22 37.01
CA LEU A 128 -8.74 -3.31 36.68
C LEU A 128 -9.58 -3.44 37.95
N LYS A 129 -10.72 -2.77 37.94
CA LYS A 129 -11.67 -2.83 39.03
C LYS A 129 -12.53 -4.08 38.92
N PRO A 130 -13.10 -4.55 40.03
CA PRO A 130 -13.95 -5.75 39.99
C PRO A 130 -15.13 -5.54 39.05
N PHE A 131 -15.30 -6.48 38.12
CA PHE A 131 -16.38 -6.47 37.13
C PHE A 131 -16.33 -5.20 36.29
N GLU A 132 -15.18 -4.97 35.66
CA GLU A 132 -14.96 -3.84 34.78
C GLU A 132 -14.48 -4.33 33.43
N ARG A 133 -14.97 -3.71 32.36
CA ARG A 133 -14.65 -4.10 30.99
C ARG A 133 -13.97 -2.92 30.30
N ASP A 134 -12.69 -3.09 29.97
CA ASP A 134 -11.92 -2.06 29.28
C ASP A 134 -11.56 -2.59 27.90
N ILE A 135 -12.24 -2.07 26.88
CA ILE A 135 -12.01 -2.49 25.50
C ILE A 135 -11.17 -1.46 24.74
N SER A 136 -10.41 -0.62 25.44
CA SER A 136 -9.57 0.37 24.79
C SER A 136 -8.40 -0.31 24.06
N THR A 137 -8.01 0.30 22.94
CA THR A 137 -6.96 -0.28 22.10
C THR A 137 -5.85 0.73 21.78
N GLU A 138 -5.79 1.85 22.50
CA GLU A 138 -4.72 2.81 22.27
C GLU A 138 -3.40 2.27 22.81
N ILE A 139 -2.30 2.81 22.27
CA ILE A 139 -0.98 2.35 22.66
C ILE A 139 -0.71 2.72 24.11
N TYR A 140 0.06 1.88 24.79
CA TYR A 140 0.37 2.09 26.20
C TYR A 140 1.60 3.00 26.32
N GLN A 141 1.42 4.15 26.95
CA GLN A 141 2.52 5.10 27.15
C GLN A 141 3.46 4.57 28.22
N ALA A 142 4.64 4.13 27.81
CA ALA A 142 5.68 3.63 28.71
C ALA A 142 6.95 4.45 28.52
N GLY A 143 7.94 4.18 29.37
CA GLY A 143 9.18 4.92 29.28
C GLY A 143 9.00 6.36 29.73
N SER A 144 9.62 7.27 29.00
CA SER A 144 9.54 8.70 29.31
C SER A 144 9.09 9.55 28.13
N THR A 145 9.49 9.19 26.92
CA THR A 145 9.16 10.00 25.75
C THR A 145 7.74 9.68 25.28
N PRO A 146 6.83 10.66 25.24
CA PRO A 146 5.48 10.38 24.74
C PRO A 146 5.51 10.13 23.24
N CYS A 147 4.83 9.04 22.83
CA CYS A 147 4.77 8.69 21.42
C CYS A 147 3.71 9.50 20.67
N ASN A 148 2.59 9.79 21.33
CA ASN A 148 1.52 10.61 20.76
C ASN A 148 0.93 9.97 19.49
N GLY A 149 0.48 8.73 19.62
CA GLY A 149 -0.23 8.02 18.57
C GLY A 149 0.58 6.93 17.90
N VAL A 150 1.85 7.18 17.63
CA VAL A 150 2.67 6.19 16.95
C VAL A 150 3.08 5.09 17.92
N GLU A 151 3.47 3.94 17.37
CA GLU A 151 3.94 2.83 18.20
C GLU A 151 5.40 3.04 18.60
N GLY A 152 6.29 3.06 17.60
CA GLY A 152 7.69 3.36 17.84
C GLY A 152 8.30 2.52 18.94
N PHE A 153 9.07 3.17 19.81
CA PHE A 153 9.65 2.56 20.98
C PHE A 153 8.99 3.13 22.24
N ASN A 154 9.07 2.36 23.32
CA ASN A 154 8.48 2.69 24.61
C ASN A 154 6.97 2.87 24.56
N CYS A 155 6.33 2.42 23.48
CA CYS A 155 4.87 2.44 23.36
C CYS A 155 4.46 1.16 22.63
N TYR A 156 4.01 0.17 23.39
CA TYR A 156 3.65 -1.12 22.85
C TYR A 156 2.13 -1.24 22.70
N PHE A 157 1.73 -2.13 21.80
CA PHE A 157 0.31 -2.39 21.61
C PHE A 157 -0.23 -3.16 22.82
N PRO A 158 -1.36 -2.74 23.40
CA PRO A 158 -1.81 -3.41 24.63
C PRO A 158 -2.27 -4.84 24.41
N LEU A 159 -3.02 -5.10 23.34
CA LEU A 159 -3.53 -6.44 23.09
C LEU A 159 -2.45 -7.34 22.53
N GLN A 160 -2.56 -8.64 22.83
CA GLN A 160 -1.60 -9.63 22.40
C GLN A 160 -2.32 -10.94 22.13
N SER A 161 -1.93 -11.62 21.06
CA SER A 161 -2.57 -12.89 20.70
C SER A 161 -2.01 -14.02 21.55
N TYR A 162 -2.87 -15.00 21.83
CA TYR A 162 -2.44 -16.18 22.59
C TYR A 162 -1.62 -17.12 21.73
N GLY A 163 -2.10 -17.42 20.52
CA GLY A 163 -1.41 -18.37 19.66
C GLY A 163 -1.62 -19.80 20.10
N PHE A 164 -2.88 -20.22 20.15
CA PHE A 164 -3.23 -21.57 20.62
C PHE A 164 -2.87 -22.58 19.54
N GLN A 165 -1.72 -23.22 19.70
CA GLN A 165 -1.27 -24.29 18.81
C GLN A 165 -1.81 -25.64 19.28
N PRO A 166 -2.28 -26.48 18.36
CA PRO A 166 -2.79 -27.80 18.77
C PRO A 166 -1.76 -28.65 19.48
N THR A 167 -0.48 -28.52 19.12
CA THR A 167 0.59 -29.30 19.75
C THR A 167 1.29 -28.43 20.80
N ASN A 168 0.61 -28.26 21.93
CA ASN A 168 1.15 -27.52 23.07
C ASN A 168 1.09 -28.41 24.30
N GLY A 169 1.61 -27.89 25.41
CA GLY A 169 1.59 -28.59 26.67
C GLY A 169 0.24 -28.48 27.36
N VAL A 170 0.19 -29.03 28.58
CA VAL A 170 -1.04 -29.00 29.37
C VAL A 170 -1.36 -27.62 29.90
N GLY A 171 -0.42 -26.67 29.84
CA GLY A 171 -0.64 -25.35 30.36
C GLY A 171 -0.84 -24.30 29.28
N TYR A 172 -0.62 -24.67 28.02
CA TYR A 172 -0.76 -23.77 26.90
C TYR A 172 -1.96 -24.12 26.02
N GLN A 173 -3.02 -24.64 26.63
CA GLN A 173 -4.22 -25.03 25.91
C GLN A 173 -5.39 -24.11 26.29
N PRO A 174 -6.36 -23.93 25.39
CA PRO A 174 -7.50 -23.07 25.72
C PRO A 174 -8.36 -23.68 26.83
N TYR A 175 -8.88 -22.82 27.69
CA TYR A 175 -9.76 -23.24 28.78
C TYR A 175 -10.91 -22.24 28.87
N ARG A 176 -12.08 -22.64 28.39
CA ARG A 176 -13.25 -21.78 28.46
C ARG A 176 -13.73 -21.69 29.91
N VAL A 177 -13.87 -20.46 30.39
CA VAL A 177 -14.23 -20.19 31.78
C VAL A 177 -15.59 -19.51 31.83
N VAL A 178 -16.47 -20.02 32.69
CA VAL A 178 -17.79 -19.45 32.92
C VAL A 178 -17.88 -19.07 34.38
N VAL A 179 -18.10 -17.78 34.65
CA VAL A 179 -18.13 -17.25 36.01
C VAL A 179 -19.56 -16.84 36.33
N LEU A 180 -20.16 -17.52 37.30
CA LEU A 180 -21.51 -17.20 37.75
C LEU A 180 -21.45 -16.38 39.03
N SER A 181 -22.16 -15.26 39.05
CA SER A 181 -22.20 -14.35 40.19
C SER A 181 -23.56 -14.47 40.87
N PHE A 182 -23.64 -15.27 41.93
CA PHE A 182 -24.88 -15.47 42.68
C PHE A 182 -25.10 -14.26 43.59
N GLU A 183 -25.70 -13.23 43.01
CA GLU A 183 -25.98 -12.00 43.74
C GLU A 183 -27.22 -12.20 44.61
N LEU A 184 -27.05 -12.16 45.93
CA LEU A 184 -28.12 -12.38 46.88
C LEU A 184 -28.43 -11.07 47.62
N LEU A 185 -29.72 -10.74 47.70
CA LEU A 185 -30.18 -9.57 48.43
C LEU A 185 -31.50 -9.90 49.08
N HIS A 186 -31.95 -8.99 49.97
CA HIS A 186 -33.22 -9.17 50.66
C HIS A 186 -34.42 -8.90 49.77
N ALA A 187 -34.20 -8.37 48.57
CA ALA A 187 -35.31 -8.12 47.64
C ALA A 187 -35.89 -9.44 47.14
N PRO A 188 -37.14 -9.41 46.66
CA PRO A 188 -37.74 -10.62 46.07
C PRO A 188 -36.84 -11.28 45.04
N ALA A 189 -36.46 -12.53 45.31
CA ALA A 189 -35.58 -13.25 44.40
C ALA A 189 -36.36 -13.84 43.23
N THR A 190 -35.70 -13.92 42.08
CA THR A 190 -36.31 -14.43 40.86
C THR A 190 -35.75 -15.78 40.43
N VAL A 191 -34.43 -15.98 40.53
CA VAL A 191 -33.81 -17.24 40.12
C VAL A 191 -33.90 -18.24 41.26
N CYS A 192 -34.97 -19.04 41.28
CA CYS A 192 -35.18 -20.03 42.31
C CYS A 192 -34.55 -21.36 41.88
N GLY A 193 -34.59 -22.34 42.79
CA GLY A 193 -34.08 -23.66 42.52
C GLY A 193 -35.13 -24.73 42.72
N PRO A 194 -34.99 -25.87 42.03
CA PRO A 194 -35.92 -27.00 42.13
C PRO A 194 -36.02 -27.55 43.54
N GLN B 1 15.47 -9.44 4.90
CA GLN B 1 14.63 -10.21 5.82
C GLN B 1 13.15 -10.03 5.49
N VAL B 2 12.64 -8.82 5.72
CA VAL B 2 11.25 -8.51 5.45
C VAL B 2 11.10 -8.25 3.96
N GLN B 3 10.40 -9.15 3.26
CA GLN B 3 10.20 -9.04 1.82
C GLN B 3 8.69 -9.13 1.54
N LEU B 4 8.09 -7.99 1.24
CA LEU B 4 6.66 -7.94 0.91
C LEU B 4 6.51 -8.15 -0.59
N VAL B 5 6.53 -9.42 -0.99
CA VAL B 5 6.44 -9.79 -2.40
C VAL B 5 5.00 -9.73 -2.85
N GLN B 6 4.74 -9.00 -3.93
CA GLN B 6 3.41 -8.87 -4.49
C GLN B 6 3.28 -9.79 -5.71
N SER B 7 2.15 -9.68 -6.40
CA SER B 7 1.90 -10.46 -7.60
C SER B 7 2.39 -9.67 -8.82
N GLY B 8 2.03 -10.15 -10.02
CA GLY B 8 2.38 -9.48 -11.25
C GLY B 8 1.31 -8.53 -11.72
N ALA B 9 1.50 -8.01 -12.93
CA ALA B 9 0.53 -7.10 -13.52
C ALA B 9 -0.75 -7.85 -13.87
N GLU B 10 -1.85 -7.11 -13.92
CA GLU B 10 -3.17 -7.68 -14.19
C GLU B 10 -3.85 -6.87 -15.28
N VAL B 11 -3.95 -7.45 -16.48
CA VAL B 11 -4.67 -6.84 -17.58
C VAL B 11 -6.16 -7.08 -17.34
N LYS B 12 -6.85 -6.09 -16.80
CA LYS B 12 -8.23 -6.21 -16.39
C LYS B 12 -9.13 -5.37 -17.30
N ARG B 13 -10.40 -5.82 -17.44
CA ARG B 13 -11.42 -5.17 -18.25
C ARG B 13 -12.09 -4.05 -17.46
N PRO B 14 -12.55 -3.00 -18.14
CA PRO B 14 -13.24 -1.91 -17.43
C PRO B 14 -14.54 -2.39 -16.82
N GLY B 15 -14.77 -1.96 -15.58
CA GLY B 15 -15.98 -2.36 -14.86
C GLY B 15 -15.92 -3.77 -14.32
N SER B 16 -14.96 -4.04 -13.44
CA SER B 16 -14.79 -5.36 -12.85
C SER B 16 -14.01 -5.19 -11.54
N SER B 17 -13.53 -6.30 -11.00
CA SER B 17 -12.79 -6.30 -9.75
C SER B 17 -11.45 -7.00 -9.94
N VAL B 18 -10.49 -6.66 -9.07
CA VAL B 18 -9.16 -7.23 -9.11
C VAL B 18 -8.85 -7.85 -7.74
N LYS B 19 -7.86 -8.73 -7.74
CA LYS B 19 -7.41 -9.41 -6.53
C LYS B 19 -5.89 -9.53 -6.58
N VAL B 20 -5.21 -8.64 -5.87
CA VAL B 20 -3.75 -8.66 -5.78
C VAL B 20 -3.35 -9.17 -4.40
N SER B 21 -2.23 -9.87 -4.35
CA SER B 21 -1.73 -10.46 -3.12
C SER B 21 -0.43 -9.78 -2.69
N CYS B 22 -0.13 -9.88 -1.40
CA CYS B 22 1.10 -9.32 -0.84
C CYS B 22 1.66 -10.34 0.14
N LYS B 23 2.62 -11.14 -0.32
CA LYS B 23 3.23 -12.19 0.48
C LYS B 23 4.12 -11.55 1.54
N ALA B 24 3.64 -11.53 2.79
CA ALA B 24 4.41 -10.97 3.90
C ALA B 24 5.31 -12.03 4.49
N SER B 25 6.60 -11.72 4.59
CA SER B 25 7.57 -12.67 5.14
C SER B 25 8.44 -11.99 6.19
N GLY B 26 9.47 -12.69 6.66
CA GLY B 26 10.36 -12.13 7.66
C GLY B 26 9.84 -12.30 9.07
N ASP B 27 9.38 -11.21 9.67
CA ASP B 27 8.89 -11.24 11.04
C ASP B 27 7.45 -11.75 11.05
N THR B 28 6.79 -11.63 12.20
CA THR B 28 5.42 -12.11 12.35
C THR B 28 4.45 -11.24 11.55
N PHE B 29 3.27 -11.80 11.30
CA PHE B 29 2.25 -11.12 10.53
C PHE B 29 1.26 -10.34 11.39
N ILE B 30 1.03 -10.78 12.62
CA ILE B 30 0.03 -10.13 13.48
C ILE B 30 0.59 -8.91 14.19
N ASN B 31 1.90 -8.82 14.37
CA ASN B 31 2.50 -7.71 15.09
C ASN B 31 2.66 -6.46 14.24
N TYR B 32 2.22 -6.47 12.98
CA TYR B 32 2.36 -5.33 12.08
C TYR B 32 1.12 -5.22 11.21
N ALA B 33 0.60 -4.01 11.08
CA ALA B 33 -0.53 -3.75 10.20
C ALA B 33 -0.04 -3.63 8.76
N PHE B 34 -0.98 -3.51 7.83
CA PHE B 34 -0.66 -3.42 6.42
C PHE B 34 -1.56 -2.40 5.73
N SER B 35 -0.96 -1.51 4.95
CA SER B 35 -1.69 -0.49 4.22
C SER B 35 -1.32 -0.57 2.74
N TRP B 36 -2.27 -0.17 1.89
CA TRP B 36 -2.08 -0.16 0.45
C TRP B 36 -2.13 1.27 -0.05
N VAL B 37 -1.16 1.64 -0.88
CA VAL B 37 -1.04 2.99 -1.43
C VAL B 37 -0.82 2.87 -2.93
N ARG B 38 -1.59 3.63 -3.71
CA ARG B 38 -1.50 3.63 -5.16
C ARG B 38 -0.68 4.82 -5.64
N GLN B 39 -0.14 4.69 -6.85
CA GLN B 39 0.65 5.74 -7.48
C GLN B 39 0.19 5.86 -8.93
N ALA B 40 -0.58 6.89 -9.24
CA ALA B 40 -1.00 7.13 -10.60
C ALA B 40 0.19 7.61 -11.44
N PRO B 41 0.20 7.28 -12.74
CA PRO B 41 1.29 7.73 -13.62
C PRO B 41 1.55 9.24 -13.52
N GLY B 42 2.72 9.61 -13.02
CA GLY B 42 3.09 11.00 -12.87
C GLY B 42 2.53 11.69 -11.64
N GLN B 43 1.45 11.17 -11.06
CA GLN B 43 0.84 11.79 -9.89
C GLN B 43 1.53 11.32 -8.61
N GLY B 44 1.01 11.79 -7.48
CA GLY B 44 1.56 11.44 -6.19
C GLY B 44 0.97 10.15 -5.62
N LEU B 45 1.25 9.92 -4.35
CA LEU B 45 0.77 8.73 -3.66
C LEU B 45 -0.56 9.01 -2.99
N GLU B 46 -1.42 7.99 -2.97
CA GLU B 46 -2.76 8.09 -2.40
C GLU B 46 -2.96 6.95 -1.42
N TRP B 47 -3.24 7.28 -0.16
CA TRP B 47 -3.48 6.29 0.88
C TRP B 47 -4.91 5.78 0.76
N MET B 48 -5.07 4.51 0.35
CA MET B 48 -6.39 3.95 0.19
C MET B 48 -6.97 3.44 1.51
N GLY B 49 -6.30 2.48 2.13
CA GLY B 49 -6.81 1.91 3.36
C GLY B 49 -5.70 1.27 4.16
N ARG B 50 -6.11 0.64 5.27
CA ARG B 50 -5.15 -0.01 6.16
C ARG B 50 -5.89 -1.06 6.97
N ILE B 51 -5.34 -2.27 7.03
CA ILE B 51 -5.94 -3.40 7.74
C ILE B 51 -5.11 -3.68 8.98
N ILE B 52 -5.80 -4.07 10.06
CA ILE B 52 -5.13 -4.47 11.30
C ILE B 52 -5.35 -5.97 11.50
N PRO B 53 -4.34 -6.81 11.24
CA PRO B 53 -4.57 -8.26 11.33
C PRO B 53 -4.95 -8.74 12.72
N ILE B 54 -4.40 -8.13 13.76
CA ILE B 54 -4.70 -8.59 15.11
C ILE B 54 -6.14 -8.23 15.51
N LEU B 55 -6.69 -7.18 14.90
CA LEU B 55 -8.05 -6.75 15.19
C LEU B 55 -9.04 -7.01 14.08
N ASP B 56 -8.57 -7.33 12.87
CA ASP B 56 -9.42 -7.62 11.72
C ASP B 56 -10.36 -6.45 11.42
N ILE B 57 -9.85 -5.24 11.59
CA ILE B 57 -10.61 -4.03 11.30
C ILE B 57 -9.85 -3.21 10.26
N ALA B 58 -10.61 -2.50 9.42
CA ALA B 58 -10.04 -1.71 8.34
C ALA B 58 -10.51 -0.26 8.46
N HIS B 59 -9.69 0.65 7.95
CA HIS B 59 -9.99 2.08 7.94
C HIS B 59 -9.72 2.62 6.54
N TYR B 60 -10.79 2.99 5.83
CA TYR B 60 -10.68 3.46 4.46
C TYR B 60 -10.70 4.98 4.42
N ALA B 61 -10.41 5.52 3.23
CA ALA B 61 -10.45 6.95 3.01
C ALA B 61 -11.88 7.40 2.72
N GLN B 62 -12.07 8.71 2.59
CA GLN B 62 -13.40 9.24 2.32
C GLN B 62 -13.89 8.86 0.94
N LYS B 63 -12.99 8.75 -0.04
CA LYS B 63 -13.36 8.38 -1.39
C LYS B 63 -13.29 6.87 -1.64
N PHE B 64 -12.96 6.08 -0.62
CA PHE B 64 -12.92 4.63 -0.74
C PHE B 64 -13.84 3.92 0.25
N GLN B 65 -14.53 4.66 1.12
CA GLN B 65 -15.43 4.06 2.10
C GLN B 65 -16.69 3.59 1.39
N GLY B 66 -16.77 2.28 1.14
CA GLY B 66 -17.89 1.69 0.42
C GLY B 66 -17.52 1.09 -0.92
N ARG B 67 -16.25 1.16 -1.33
CA ARG B 67 -15.79 0.62 -2.59
C ARG B 67 -14.63 -0.35 -2.42
N LEU B 68 -13.74 -0.09 -1.48
CA LEU B 68 -12.57 -0.94 -1.25
C LEU B 68 -12.86 -1.97 -0.16
N THR B 69 -12.45 -3.21 -0.41
CA THR B 69 -12.60 -4.30 0.56
C THR B 69 -11.25 -4.99 0.67
N ILE B 70 -10.54 -4.72 1.77
CA ILE B 70 -9.20 -5.26 2.00
C ILE B 70 -9.30 -6.32 3.09
N THR B 71 -8.78 -7.50 2.82
CA THR B 71 -8.76 -8.61 3.77
C THR B 71 -7.32 -8.93 4.17
N ALA B 72 -7.19 -9.85 5.11
CA ALA B 72 -5.88 -10.25 5.62
C ALA B 72 -5.96 -11.68 6.11
N ASP B 73 -5.30 -12.60 5.41
CA ASP B 73 -5.27 -14.00 5.78
C ASP B 73 -4.15 -14.21 6.79
N LYS B 74 -4.50 -14.52 8.02
CA LYS B 74 -3.53 -14.73 9.09
C LYS B 74 -2.91 -16.12 9.08
N SER B 75 -3.13 -16.90 8.02
CA SER B 75 -2.57 -18.24 7.91
C SER B 75 -1.37 -18.30 6.98
N THR B 76 -1.50 -17.78 5.77
CA THR B 76 -0.41 -17.75 4.81
C THR B 76 0.35 -16.43 4.81
N ASP B 77 0.00 -15.50 5.71
CA ASP B 77 0.65 -14.19 5.81
C ASP B 77 0.59 -13.45 4.47
N THR B 78 -0.64 -13.26 3.98
CA THR B 78 -0.88 -12.63 2.69
C THR B 78 -1.99 -11.60 2.84
N ALA B 79 -1.74 -10.39 2.34
CA ALA B 79 -2.72 -9.32 2.34
C ALA B 79 -3.34 -9.21 0.95
N TYR B 80 -4.66 -9.07 0.90
CA TYR B 80 -5.40 -9.01 -0.34
C TYR B 80 -6.09 -7.65 -0.48
N MET B 81 -6.43 -7.31 -1.72
CA MET B 81 -7.11 -6.06 -2.02
C MET B 81 -8.13 -6.29 -3.13
N GLU B 82 -9.32 -5.74 -2.95
CA GLU B 82 -10.40 -5.90 -3.92
C GLU B 82 -11.13 -4.57 -4.09
N LEU B 83 -11.28 -4.14 -5.34
CA LEU B 83 -11.99 -2.91 -5.66
C LEU B 83 -13.20 -3.25 -6.51
N THR B 84 -14.38 -2.82 -6.05
CA THR B 84 -15.63 -3.09 -6.75
C THR B 84 -15.95 -1.93 -7.70
N SER B 85 -16.43 -2.28 -8.90
CA SER B 85 -16.84 -1.31 -9.91
C SER B 85 -15.67 -0.39 -10.28
N LEU B 86 -14.64 -0.99 -10.86
CA LEU B 86 -13.47 -0.22 -11.29
C LEU B 86 -13.83 0.67 -12.47
N LYS B 87 -13.31 1.90 -12.44
CA LYS B 87 -13.51 2.86 -13.50
C LYS B 87 -12.25 2.93 -14.38
N SER B 88 -12.24 3.87 -15.33
CA SER B 88 -11.15 3.95 -16.28
C SER B 88 -9.93 4.70 -15.74
N ASP B 89 -10.10 5.50 -14.70
CA ASP B 89 -9.02 6.29 -14.13
C ASP B 89 -8.39 5.63 -12.91
N ASP B 90 -8.44 4.30 -12.83
CA ASP B 90 -7.86 3.56 -11.72
C ASP B 90 -6.57 2.84 -12.10
N THR B 91 -6.03 3.11 -13.29
CA THR B 91 -4.76 2.53 -13.71
C THR B 91 -3.63 3.16 -12.92
N ALA B 92 -3.10 2.43 -11.95
CA ALA B 92 -2.04 2.94 -11.09
C ALA B 92 -1.23 1.77 -10.55
N VAL B 93 -0.09 2.10 -9.95
CA VAL B 93 0.80 1.11 -9.35
C VAL B 93 0.44 0.99 -7.88
N TYR B 94 -0.15 -0.13 -7.50
CA TYR B 94 -0.58 -0.36 -6.12
C TYR B 94 0.55 -0.99 -5.33
N PHE B 95 1.02 -0.29 -4.31
CA PHE B 95 2.11 -0.76 -3.46
C PHE B 95 1.56 -1.36 -2.16
N CYS B 96 2.32 -2.27 -1.59
CA CYS B 96 1.99 -2.92 -0.33
C CYS B 96 2.95 -2.41 0.75
N ALA B 97 2.40 -1.84 1.81
CA ALA B 97 3.19 -1.31 2.91
C ALA B 97 2.86 -2.05 4.20
N ARG B 98 3.80 -2.01 5.14
CA ARG B 98 3.66 -2.67 6.44
C ARG B 98 3.77 -1.60 7.52
N VAL B 99 2.64 -0.97 7.85
CA VAL B 99 2.61 0.08 8.87
C VAL B 99 2.50 -0.55 10.24
N PHE B 100 2.72 0.24 11.28
CA PHE B 100 2.62 -0.24 12.65
C PHE B 100 1.18 -0.18 13.15
N ARG B 101 0.94 -0.84 14.27
CA ARG B 101 -0.41 -0.94 14.84
C ARG B 101 -0.68 0.26 15.75
N GLY B 102 -0.86 1.42 15.12
CA GLY B 102 -1.15 2.63 15.84
C GLY B 102 -2.05 3.55 15.03
N SER B 103 -2.51 4.61 15.70
CA SER B 103 -3.35 5.59 15.03
C SER B 103 -2.55 6.38 14.00
N GLN B 104 -1.30 6.67 14.30
CA GLN B 104 -0.39 7.35 13.39
C GLN B 104 0.77 6.41 13.05
N TYR B 105 1.22 6.46 11.80
CA TYR B 105 2.20 5.50 11.33
C TYR B 105 2.90 6.06 10.09
N TRP B 106 3.99 5.40 9.71
CA TRP B 106 4.71 5.69 8.49
C TRP B 106 4.88 4.40 7.69
N PHE B 107 5.11 4.55 6.38
CA PHE B 107 5.20 3.42 5.47
C PHE B 107 6.68 3.07 5.27
N ASP B 108 7.26 2.43 6.29
CA ASP B 108 8.69 2.12 6.21
C ASP B 108 8.97 0.98 5.24
N PRO B 109 8.39 -0.22 5.38
CA PRO B 109 8.65 -1.27 4.40
C PRO B 109 7.65 -1.25 3.25
N TRP B 110 8.15 -1.23 2.02
CA TRP B 110 7.32 -1.24 0.83
C TRP B 110 7.47 -2.58 0.11
N GLY B 111 6.73 -2.72 -0.99
CA GLY B 111 6.79 -3.94 -1.77
C GLY B 111 7.45 -3.74 -3.12
N GLN B 112 6.77 -4.14 -4.19
CA GLN B 112 7.28 -3.99 -5.54
C GLN B 112 6.29 -3.32 -6.49
N GLY B 113 5.02 -3.20 -6.12
CA GLY B 113 4.04 -2.54 -6.97
C GLY B 113 3.53 -3.41 -8.10
N THR B 114 2.29 -3.17 -8.51
CA THR B 114 1.68 -3.90 -9.62
C THR B 114 1.03 -2.89 -10.56
N LEU B 115 1.45 -2.92 -11.82
CA LEU B 115 0.89 -2.03 -12.84
C LEU B 115 -0.40 -2.64 -13.38
N VAL B 116 -1.48 -2.46 -12.63
CA VAL B 116 -2.77 -3.02 -12.97
C VAL B 116 -3.49 -1.99 -13.84
N THR B 117 -3.60 -2.28 -15.13
CA THR B 117 -4.31 -1.41 -16.07
C THR B 117 -5.79 -1.78 -16.08
N VAL B 118 -6.64 -0.75 -16.09
CA VAL B 118 -8.09 -0.96 -16.08
C VAL B 118 -8.76 -0.57 -17.39
N SER B 119 -8.13 0.27 -18.20
CA SER B 119 -8.66 0.67 -19.50
C SER B 119 -8.02 -0.22 -20.56
N SER B 120 -8.66 -1.34 -20.84
CA SER B 120 -8.13 -2.36 -21.74
C SER B 120 -8.86 -2.33 -23.08
N ALA B 121 -8.32 -3.08 -24.02
CA ALA B 121 -8.88 -3.19 -25.37
C ALA B 121 -8.44 -4.51 -25.97
N SER B 122 -8.65 -4.66 -27.27
CA SER B 122 -8.27 -5.89 -27.95
C SER B 122 -6.75 -5.97 -28.13
N THR B 123 -6.23 -7.19 -28.06
CA THR B 123 -4.79 -7.42 -28.22
C THR B 123 -4.41 -7.39 -29.68
N LYS B 124 -3.37 -6.62 -30.02
CA LYS B 124 -2.87 -6.52 -31.38
C LYS B 124 -1.36 -6.73 -31.39
N GLY B 125 -0.86 -7.08 -32.57
CA GLY B 125 0.56 -7.31 -32.75
C GLY B 125 1.31 -6.05 -33.17
N PRO B 126 2.62 -6.07 -33.02
CA PRO B 126 3.43 -4.89 -33.41
C PRO B 126 3.40 -4.63 -34.91
N SER B 127 2.84 -3.49 -35.31
CA SER B 127 2.81 -3.08 -36.71
C SER B 127 3.89 -2.03 -36.93
N VAL B 128 5.11 -2.52 -37.19
CA VAL B 128 6.25 -1.63 -37.37
C VAL B 128 6.12 -0.89 -38.71
N PHE B 129 6.48 0.39 -38.70
CA PHE B 129 6.41 1.23 -39.88
C PHE B 129 7.79 1.56 -40.38
N PRO B 130 8.09 1.32 -41.66
CA PRO B 130 9.42 1.64 -42.22
C PRO B 130 9.62 3.13 -42.48
N LEU B 131 10.01 3.84 -41.42
CA LEU B 131 10.25 5.28 -41.52
C LEU B 131 11.49 5.54 -42.36
N ALA B 132 11.30 6.18 -43.52
CA ALA B 132 12.40 6.51 -44.40
C ALA B 132 12.75 7.98 -44.23
N PRO B 133 13.88 8.32 -43.60
CA PRO B 133 14.23 9.74 -43.42
C PRO B 133 14.69 10.40 -44.70
N SER B 134 15.09 11.66 -44.60
CA SER B 134 15.57 12.41 -45.77
C SER B 134 16.94 11.91 -46.21
N ALA B 143 23.49 8.47 -40.46
CA ALA B 143 22.19 7.95 -40.88
C ALA B 143 21.26 7.81 -39.68
N ALA B 144 20.38 8.78 -39.49
CA ALA B 144 19.43 8.79 -38.39
C ALA B 144 18.15 8.11 -38.86
N LEU B 145 17.91 6.88 -38.38
CA LEU B 145 16.72 6.13 -38.76
C LEU B 145 16.23 5.34 -37.55
N GLY B 146 14.94 5.03 -37.56
CA GLY B 146 14.34 4.30 -36.45
C GLY B 146 13.20 3.39 -36.89
N CYS B 147 12.48 2.83 -35.92
CA CYS B 147 11.37 1.94 -36.20
C CYS B 147 10.22 2.29 -35.26
N LEU B 148 9.06 2.59 -35.83
CA LEU B 148 7.89 3.05 -35.08
C LEU B 148 6.91 1.89 -34.95
N VAL B 149 6.89 1.26 -33.77
CA VAL B 149 5.94 0.20 -33.48
C VAL B 149 4.59 0.84 -33.18
N LYS B 150 3.57 0.47 -33.94
CA LYS B 150 2.26 1.09 -33.87
C LYS B 150 1.18 0.05 -33.60
N ASP B 151 0.10 0.48 -32.97
CA ASP B 151 -1.10 -0.34 -32.76
C ASP B 151 -0.81 -1.61 -31.98
N TYR B 152 -0.41 -1.47 -30.72
CA TYR B 152 -0.24 -2.62 -29.84
C TYR B 152 -0.73 -2.24 -28.44
N PHE B 153 -1.62 -3.06 -27.90
CA PHE B 153 -2.15 -2.81 -26.56
C PHE B 153 -1.19 -3.24 -25.45
N PRO B 154 -0.70 -4.51 -25.44
CA PRO B 154 0.14 -4.95 -24.32
C PRO B 154 1.44 -4.14 -24.18
N GLU B 155 1.67 -3.62 -22.97
CA GLU B 155 2.81 -2.76 -22.68
C GLU B 155 4.16 -3.42 -22.97
N PRO B 156 4.44 -4.65 -22.45
CA PRO B 156 5.79 -5.21 -22.65
C PRO B 156 6.09 -5.49 -24.11
N VAL B 157 7.05 -4.75 -24.66
CA VAL B 157 7.50 -4.89 -26.04
C VAL B 157 8.99 -4.59 -26.09
N THR B 158 9.76 -5.50 -26.69
CA THR B 158 11.21 -5.38 -26.77
C THR B 158 11.56 -4.98 -28.20
N VAL B 159 11.76 -3.69 -28.43
CA VAL B 159 12.15 -3.18 -29.74
C VAL B 159 13.68 -3.20 -29.85
N SER B 160 14.22 -4.29 -30.38
CA SER B 160 15.66 -4.44 -30.54
C SER B 160 16.06 -4.12 -31.97
N TRP B 161 17.35 -4.29 -32.26
CA TRP B 161 17.91 -4.02 -33.59
C TRP B 161 18.83 -5.18 -33.97
N ASN B 162 18.30 -6.12 -34.77
CA ASN B 162 19.05 -7.27 -35.26
C ASN B 162 19.65 -8.07 -34.09
N SER B 163 18.76 -8.58 -33.25
CA SER B 163 19.14 -9.36 -32.06
C SER B 163 20.06 -8.55 -31.15
N GLY B 164 19.76 -7.27 -30.99
CA GLY B 164 20.58 -6.42 -30.15
C GLY B 164 21.94 -6.10 -30.73
N ALA B 165 22.02 -5.90 -32.05
CA ALA B 165 23.30 -5.61 -32.68
C ALA B 165 23.80 -4.23 -32.28
N LEU B 166 22.95 -3.21 -32.42
CA LEU B 166 23.32 -1.85 -32.05
C LEU B 166 23.08 -1.64 -30.57
N THR B 167 24.13 -1.24 -29.85
CA THR B 167 24.06 -1.00 -28.41
C THR B 167 24.58 0.38 -28.05
N SER B 168 24.48 1.32 -28.99
CA SER B 168 24.96 2.69 -28.79
C SER B 168 23.98 3.64 -29.45
N GLY B 169 23.26 4.42 -28.65
CA GLY B 169 22.30 5.37 -29.18
C GLY B 169 20.91 4.84 -29.42
N VAL B 170 20.61 3.62 -28.96
CA VAL B 170 19.29 3.02 -29.15
C VAL B 170 18.44 3.49 -27.98
N HIS B 171 17.82 4.66 -28.14
CA HIS B 171 16.99 5.25 -27.10
C HIS B 171 15.55 4.77 -27.27
N THR B 172 15.11 3.92 -26.35
CA THR B 172 13.73 3.42 -26.36
C THR B 172 12.83 4.51 -25.79
N PHE B 173 12.11 5.19 -26.67
CA PHE B 173 11.22 6.27 -26.23
C PHE B 173 10.06 5.69 -25.44
N PRO B 174 9.66 6.32 -24.33
CA PRO B 174 8.51 5.82 -23.58
C PRO B 174 7.22 5.99 -24.37
N ALA B 175 6.33 5.01 -24.23
CA ALA B 175 5.06 5.04 -24.95
C ALA B 175 4.07 5.98 -24.26
N VAL B 176 3.16 6.53 -25.06
CA VAL B 176 2.14 7.45 -24.58
C VAL B 176 0.78 6.95 -25.04
N LEU B 177 -0.16 6.88 -24.10
CA LEU B 177 -1.50 6.34 -24.40
C LEU B 177 -2.22 7.24 -25.40
N GLN B 178 -2.56 6.66 -26.55
CA GLN B 178 -3.28 7.39 -27.58
C GLN B 178 -4.78 7.36 -27.29
N SER B 179 -5.55 8.04 -28.14
CA SER B 179 -7.00 8.09 -27.96
C SER B 179 -7.68 6.76 -28.27
N SER B 180 -7.01 5.88 -29.02
CA SER B 180 -7.56 4.58 -29.36
C SER B 180 -7.23 3.50 -28.34
N GLY B 181 -6.67 3.89 -27.19
CA GLY B 181 -6.31 2.92 -26.17
C GLY B 181 -5.16 2.01 -26.52
N LEU B 182 -4.39 2.34 -27.56
CA LEU B 182 -3.26 1.52 -28.01
C LEU B 182 -2.04 2.43 -28.07
N TYR B 183 -1.29 2.49 -26.97
CA TYR B 183 -0.11 3.33 -26.92
C TYR B 183 0.99 2.76 -27.82
N SER B 184 1.81 3.67 -28.33
CA SER B 184 2.88 3.31 -29.27
C SER B 184 4.14 4.09 -28.93
N LEU B 185 5.28 3.52 -29.28
CA LEU B 185 6.57 4.15 -29.04
C LEU B 185 7.45 3.97 -30.27
N SER B 186 8.62 4.62 -30.24
CA SER B 186 9.59 4.53 -31.31
C SER B 186 10.98 4.29 -30.73
N SER B 187 11.93 3.98 -31.61
CA SER B 187 13.31 3.75 -31.20
C SER B 187 14.20 4.18 -32.36
N VAL B 188 14.75 5.39 -32.27
CA VAL B 188 15.57 5.96 -33.33
C VAL B 188 17.02 5.92 -32.86
N VAL B 189 17.89 5.30 -33.66
CA VAL B 189 19.31 5.20 -33.37
C VAL B 189 20.07 5.54 -34.65
N THR B 190 21.02 6.47 -34.54
CA THR B 190 21.84 6.90 -35.66
C THR B 190 23.19 6.19 -35.61
N VAL B 191 23.49 5.43 -36.65
CA VAL B 191 24.75 4.70 -36.73
C VAL B 191 25.41 4.93 -38.09
N THR B 200 22.27 -4.98 -42.73
CA THR B 200 20.86 -4.63 -42.86
C THR B 200 20.28 -4.27 -41.49
N TYR B 201 19.65 -3.09 -41.40
CA TYR B 201 19.07 -2.61 -40.15
C TYR B 201 17.68 -3.19 -40.00
N ILE B 202 17.63 -4.47 -39.60
CA ILE B 202 16.38 -5.18 -39.38
C ILE B 202 16.09 -5.09 -37.89
N CYS B 203 15.32 -4.08 -37.50
CA CYS B 203 14.93 -3.89 -36.10
C CYS B 203 13.96 -5.00 -35.69
N ASN B 204 14.45 -5.94 -34.89
CA ASN B 204 13.62 -7.06 -34.44
C ASN B 204 12.78 -6.63 -33.24
N VAL B 205 11.47 -6.77 -33.36
CA VAL B 205 10.53 -6.44 -32.29
C VAL B 205 9.98 -7.75 -31.73
N ASN B 206 10.11 -7.94 -30.42
CA ASN B 206 9.67 -9.16 -29.75
C ASN B 206 8.52 -8.81 -28.81
N HIS B 207 7.32 -9.27 -29.16
CA HIS B 207 6.14 -9.05 -28.33
C HIS B 207 5.99 -10.24 -27.39
N LYS B 208 6.15 -9.98 -26.08
CA LYS B 208 6.14 -11.08 -25.12
C LYS B 208 4.74 -11.62 -24.84
N PRO B 209 3.72 -10.80 -24.56
CA PRO B 209 2.39 -11.39 -24.28
C PRO B 209 1.82 -12.17 -25.45
N SER B 210 1.70 -11.55 -26.61
CA SER B 210 1.18 -12.23 -27.79
C SER B 210 2.32 -12.97 -28.49
N ASN B 211 2.05 -13.50 -29.69
CA ASN B 211 3.05 -14.23 -30.49
C ASN B 211 3.15 -13.55 -31.85
N THR B 212 3.99 -12.52 -31.94
CA THR B 212 4.20 -11.81 -33.20
C THR B 212 5.63 -11.29 -33.18
N LYS B 213 6.56 -12.06 -33.74
CA LYS B 213 7.98 -11.69 -33.77
C LYS B 213 8.33 -11.05 -35.12
N VAL B 214 7.73 -9.89 -35.37
CA VAL B 214 7.94 -9.19 -36.63
C VAL B 214 9.32 -8.55 -36.63
N ASP B 215 10.02 -8.69 -37.75
CA ASP B 215 11.35 -8.09 -37.96
C ASP B 215 11.27 -7.26 -39.23
N LYS B 216 10.85 -6.01 -39.09
CA LYS B 216 10.66 -5.14 -40.25
C LYS B 216 11.99 -4.51 -40.66
N ARG B 217 12.28 -4.56 -41.96
CA ARG B 217 13.48 -3.94 -42.52
C ARG B 217 13.21 -2.47 -42.80
N VAL B 218 14.09 -1.60 -42.29
CA VAL B 218 13.95 -0.16 -42.45
C VAL B 218 15.27 0.38 -42.98
N GLU B 219 15.24 0.97 -44.18
CA GLU B 219 16.40 1.57 -44.79
C GLU B 219 16.06 2.96 -45.30
N PRO B 220 16.95 3.94 -45.12
CA PRO B 220 16.72 5.32 -45.57
C PRO B 220 16.76 5.47 -47.08
N GLU C 1 -1.73 19.06 6.83
CA GLU C 1 -2.61 18.03 7.35
C GLU C 1 -3.34 17.30 6.23
N ILE C 2 -3.69 18.03 5.19
CA ILE C 2 -4.42 17.46 4.06
C ILE C 2 -3.70 17.64 2.73
N VAL C 3 -2.84 18.66 2.58
CA VAL C 3 -2.11 18.89 1.34
C VAL C 3 -0.66 19.21 1.66
N LEU C 4 0.24 18.75 0.79
CA LEU C 4 1.67 19.00 0.93
C LEU C 4 2.23 19.36 -0.44
N THR C 5 2.97 20.46 -0.52
CA THR C 5 3.54 20.94 -1.77
C THR C 5 5.04 21.11 -1.62
N GLN C 6 5.78 20.75 -2.68
CA GLN C 6 7.21 20.93 -2.73
C GLN C 6 7.56 22.22 -3.47
N SER C 7 8.51 22.97 -2.93
CA SER C 7 8.89 24.25 -3.51
C SER C 7 9.76 24.09 -4.76
N PRO C 8 10.85 23.29 -4.74
CA PRO C 8 11.69 23.19 -5.95
C PRO C 8 10.97 22.55 -7.12
N GLY C 9 10.37 21.38 -6.90
CA GLY C 9 9.70 20.67 -7.96
C GLY C 9 10.66 19.85 -8.80
N THR C 10 11.56 20.54 -9.51
CA THR C 10 12.62 19.91 -10.31
C THR C 10 13.92 20.64 -10.00
N LEU C 11 14.62 20.19 -8.97
CA LEU C 11 15.83 20.86 -8.49
C LEU C 11 17.04 20.29 -9.22
N SER C 12 17.60 21.05 -10.14
CA SER C 12 18.83 20.67 -10.83
C SER C 12 20.02 21.06 -9.96
N LEU C 13 20.86 20.08 -9.63
CA LEU C 13 21.97 20.29 -8.73
C LEU C 13 23.21 19.57 -9.25
N SER C 14 24.38 20.11 -8.94
CA SER C 14 25.62 19.52 -9.38
C SER C 14 25.93 18.25 -8.56
N PRO C 15 26.67 17.31 -9.14
CA PRO C 15 27.00 16.08 -8.41
C PRO C 15 28.01 16.32 -7.31
N GLY C 16 27.55 16.78 -6.15
CA GLY C 16 28.43 17.06 -5.03
C GLY C 16 27.99 18.26 -4.21
N GLU C 17 27.14 19.10 -4.79
CA GLU C 17 26.61 20.24 -4.06
C GLU C 17 25.52 19.79 -3.09
N ARG C 18 25.26 20.62 -2.08
CA ARG C 18 24.26 20.29 -1.08
C ARG C 18 22.86 20.66 -1.57
N ALA C 19 21.88 19.86 -1.17
CA ALA C 19 20.49 20.05 -1.58
C ALA C 19 19.66 20.55 -0.41
N THR C 20 18.55 21.21 -0.74
CA THR C 20 17.63 21.73 0.28
C THR C 20 16.22 21.61 -0.27
N LEU C 21 15.50 20.57 0.15
CA LEU C 21 14.13 20.35 -0.27
C LEU C 21 13.17 20.95 0.75
N SER C 22 12.09 21.53 0.26
CA SER C 22 11.11 22.20 1.11
C SER C 22 9.76 21.51 1.02
N CYS C 23 9.08 21.39 2.15
CA CYS C 23 7.74 20.81 2.20
C CYS C 23 6.97 21.53 3.32
N ARG C 24 6.21 22.55 2.94
CA ARG C 24 5.47 23.33 3.92
C ARG C 24 4.19 22.63 4.33
N ALA C 25 3.87 22.70 5.62
CA ALA C 25 2.64 22.09 6.12
C ALA C 25 1.43 22.91 5.69
N SER C 26 0.25 22.46 6.10
CA SER C 26 -0.99 23.12 5.75
C SER C 26 -1.82 23.54 6.95
N GLN C 27 -1.84 22.74 8.02
CA GLN C 27 -2.66 23.03 9.19
C GLN C 27 -1.85 22.86 10.48
N SER C 28 -0.56 23.21 10.42
CA SER C 28 0.30 23.29 11.60
C SER C 28 0.35 21.94 12.35
N ILE C 29 0.97 20.97 11.69
CA ILE C 29 1.19 19.64 12.26
C ILE C 29 1.89 19.79 13.61
N ASN C 30 1.23 19.31 14.67
CA ASN C 30 1.67 19.58 16.03
C ASN C 30 3.02 18.96 16.37
N ASN C 31 3.09 17.63 16.39
CA ASN C 31 4.30 16.95 16.85
C ASN C 31 5.25 16.59 15.71
N ARG C 32 5.54 17.56 14.85
CA ARG C 32 6.48 17.42 13.74
C ARG C 32 6.30 16.10 12.99
N HIS C 33 5.05 15.66 12.83
CA HIS C 33 4.76 14.37 12.20
C HIS C 33 4.92 14.53 10.69
N LEU C 34 6.13 14.25 10.20
CA LEU C 34 6.40 14.27 8.77
C LEU C 34 7.52 13.29 8.47
N ALA C 35 7.39 12.59 7.36
CA ALA C 35 8.37 11.60 6.93
C ALA C 35 8.75 11.84 5.47
N TRP C 36 9.98 11.52 5.13
CA TRP C 36 10.51 11.70 3.79
C TRP C 36 10.84 10.34 3.17
N TYR C 37 10.72 10.27 1.84
CA TYR C 37 10.96 9.04 1.11
C TYR C 37 11.85 9.32 -0.09
N GLN C 38 12.28 8.25 -0.74
CA GLN C 38 13.10 8.33 -1.95
C GLN C 38 12.57 7.29 -2.93
N GLN C 39 11.70 7.71 -3.85
CA GLN C 39 11.08 6.82 -4.82
C GLN C 39 11.91 6.88 -6.10
N LYS C 40 12.75 5.86 -6.30
CA LYS C 40 13.53 5.78 -7.53
C LYS C 40 12.64 5.37 -8.70
N ARG C 41 13.04 5.79 -9.90
CA ARG C 41 12.27 5.49 -11.10
C ARG C 41 12.18 3.99 -11.34
N GLY C 42 10.99 3.44 -11.19
CA GLY C 42 10.78 2.01 -11.36
C GLY C 42 11.07 1.16 -10.14
N GLN C 43 11.05 1.76 -8.95
CA GLN C 43 11.31 1.04 -7.71
C GLN C 43 10.34 1.52 -6.65
N ALA C 44 10.45 0.92 -5.45
CA ALA C 44 9.62 1.26 -4.31
C ALA C 44 10.24 2.40 -3.50
N PRO C 45 9.41 3.22 -2.85
CA PRO C 45 9.95 4.32 -2.05
C PRO C 45 10.80 3.80 -0.89
N ARG C 46 11.89 4.51 -0.61
CA ARG C 46 12.81 4.15 0.46
C ARG C 46 12.57 5.09 1.64
N PHE C 47 12.29 4.50 2.80
CA PHE C 47 12.06 5.30 4.00
C PHE C 47 13.37 5.91 4.48
N LEU C 48 13.36 7.23 4.72
CA LEU C 48 14.58 7.95 5.05
C LEU C 48 14.55 8.52 6.48
N ILE C 49 13.55 9.33 6.82
CA ILE C 49 13.52 10.03 8.10
C ILE C 49 12.10 9.95 8.67
N TYR C 50 12.01 9.63 9.96
CA TYR C 50 10.75 9.66 10.69
C TYR C 50 10.78 10.81 11.70
N GLY C 51 9.63 11.46 11.87
CA GLY C 51 9.55 12.59 12.78
C GLY C 51 10.25 13.83 12.32
N ALA C 52 10.71 13.87 11.07
CA ALA C 52 11.39 15.00 10.42
C ALA C 52 12.75 15.32 11.03
N ALA C 53 13.18 14.60 12.05
CA ALA C 53 14.47 14.87 12.67
C ALA C 53 15.36 13.64 12.77
N SER C 54 14.78 12.47 13.04
CA SER C 54 15.56 11.25 13.24
C SER C 54 15.51 10.39 11.99
N ARG C 55 16.69 10.03 11.48
CA ARG C 55 16.77 9.17 10.31
C ARG C 55 16.48 7.73 10.68
N ALA C 56 16.23 6.91 9.66
CA ALA C 56 15.92 5.50 9.86
C ALA C 56 17.21 4.70 10.01
N THR C 57 17.09 3.37 10.02
CA THR C 57 18.25 2.50 10.14
C THR C 57 18.90 2.32 8.78
N GLY C 58 20.21 2.53 8.72
CA GLY C 58 20.96 2.40 7.49
C GLY C 58 21.07 3.67 6.68
N ILE C 59 20.32 4.72 7.03
CA ILE C 59 20.39 5.98 6.28
C ILE C 59 21.70 6.69 6.61
N PRO C 60 22.45 7.14 5.61
CA PRO C 60 23.71 7.83 5.89
C PRO C 60 23.47 9.16 6.59
N ASP C 61 24.57 9.73 7.10
CA ASP C 61 24.52 11.00 7.81
C ASP C 61 24.29 12.18 6.88
N ARG C 62 24.34 11.98 5.56
CA ARG C 62 24.14 13.08 4.62
C ARG C 62 22.72 13.60 4.65
N PHE C 63 21.75 12.78 5.03
CA PHE C 63 20.35 13.18 5.09
C PHE C 63 20.03 13.74 6.46
N SER C 64 19.39 14.91 6.49
CA SER C 64 18.99 15.54 7.73
C SER C 64 17.78 16.42 7.48
N GLY C 65 16.90 16.51 8.48
CA GLY C 65 15.68 17.27 8.37
C GLY C 65 15.57 18.29 9.48
N SER C 66 14.65 19.23 9.29
CA SER C 66 14.40 20.30 10.25
C SER C 66 12.93 20.68 10.17
N GLY C 67 12.59 21.82 10.77
CA GLY C 67 11.22 22.31 10.78
C GLY C 67 10.48 21.92 12.03
N SER C 68 9.67 22.84 12.56
CA SER C 68 8.95 22.62 13.80
C SER C 68 7.44 22.56 13.61
N GLY C 69 6.83 23.59 13.05
CA GLY C 69 5.38 23.63 13.01
C GLY C 69 4.71 23.69 11.66
N THR C 70 5.29 24.42 10.71
CA THR C 70 4.64 24.66 9.43
C THR C 70 5.55 24.61 8.22
N ASP C 71 6.85 24.34 8.39
CA ASP C 71 7.76 24.33 7.25
C ASP C 71 8.95 23.43 7.62
N PHE C 72 9.01 22.26 7.00
CA PHE C 72 10.09 21.30 7.22
C PHE C 72 10.99 21.25 5.99
N THR C 73 12.29 21.16 6.22
CA THR C 73 13.27 21.16 5.15
C THR C 73 14.17 19.93 5.26
N LEU C 74 14.51 19.35 4.12
CA LEU C 74 15.41 18.22 4.04
C LEU C 74 16.76 18.70 3.51
N THR C 75 17.84 18.33 4.21
CA THR C 75 19.18 18.75 3.87
C THR C 75 19.99 17.53 3.44
N ILE C 76 20.46 17.54 2.20
CA ILE C 76 21.27 16.46 1.65
C ILE C 76 22.62 17.07 1.28
N SER C 77 23.58 17.02 2.19
CA SER C 77 24.90 17.57 1.95
C SER C 77 25.76 16.57 1.20
N ARG C 78 26.59 17.07 0.29
CA ARG C 78 27.47 16.24 -0.54
C ARG C 78 26.68 15.19 -1.31
N LEU C 79 25.83 15.69 -2.21
CA LEU C 79 24.96 14.82 -3.00
C LEU C 79 25.78 13.93 -3.91
N GLU C 80 25.66 12.61 -3.71
CA GLU C 80 26.34 11.65 -4.56
C GLU C 80 25.54 11.42 -5.84
N PRO C 81 26.20 10.97 -6.91
CA PRO C 81 25.49 10.72 -8.18
C PRO C 81 24.44 9.60 -8.08
N GLU C 82 24.35 8.90 -6.96
CA GLU C 82 23.37 7.83 -6.81
C GLU C 82 22.03 8.35 -6.30
N ASP C 83 22.03 9.43 -5.53
CA ASP C 83 20.79 9.98 -4.96
C ASP C 83 20.11 10.93 -5.96
N PHE C 84 19.75 10.36 -7.12
CA PHE C 84 19.04 11.08 -8.17
C PHE C 84 17.69 10.39 -8.39
N ALA C 85 16.68 10.83 -7.64
CA ALA C 85 15.35 10.25 -7.71
C ALA C 85 14.35 11.28 -7.19
N VAL C 86 13.10 10.85 -7.00
CA VAL C 86 12.03 11.70 -6.51
C VAL C 86 11.92 11.51 -5.00
N TYR C 87 11.70 12.61 -4.29
CA TYR C 87 11.60 12.61 -2.83
C TYR C 87 10.22 13.10 -2.43
N TYR C 88 9.44 12.23 -1.81
CA TYR C 88 8.08 12.56 -1.39
C TYR C 88 8.02 12.88 0.10
N CYS C 89 7.01 13.66 0.46
CA CYS C 89 6.73 14.01 1.85
C CYS C 89 5.47 13.30 2.31
N GLN C 90 5.44 12.93 3.59
CA GLN C 90 4.29 12.22 4.15
C GLN C 90 4.12 12.64 5.60
N GLN C 91 2.92 13.12 5.93
CA GLN C 91 2.60 13.58 7.27
C GLN C 91 1.63 12.61 7.93
N TYR C 92 1.78 12.42 9.24
CA TYR C 92 0.91 11.55 10.01
C TYR C 92 0.50 12.21 11.32
N GLY C 93 0.16 13.50 11.25
CA GLY C 93 -0.28 14.22 12.42
C GLY C 93 -1.77 14.11 12.64
N SER C 94 -2.50 13.76 11.58
CA SER C 94 -3.95 13.59 11.63
C SER C 94 -4.30 12.13 11.35
N SER C 95 -5.60 11.85 11.25
CA SER C 95 -6.03 10.47 10.99
C SER C 95 -5.70 10.03 9.56
N PRO C 96 -6.08 10.75 8.50
CA PRO C 96 -5.75 10.29 7.16
C PRO C 96 -4.37 10.76 6.74
N PRO C 97 -3.47 9.84 6.40
CA PRO C 97 -2.15 10.25 5.92
C PRO C 97 -2.23 10.80 4.51
N THR C 98 -1.57 11.94 4.29
CA THR C 98 -1.53 12.60 2.98
C THR C 98 -0.09 12.76 2.53
N PHE C 99 0.13 12.60 1.23
CA PHE C 99 1.45 12.71 0.64
C PHE C 99 1.61 14.06 -0.04
N GLY C 100 2.75 14.25 -0.71
CA GLY C 100 3.01 15.47 -1.43
C GLY C 100 3.08 15.27 -2.94
N GLN C 101 3.92 16.05 -3.61
CA GLN C 101 4.11 15.95 -5.05
C GLN C 101 5.43 15.33 -5.45
N GLY C 102 6.51 15.64 -4.75
CA GLY C 102 7.80 15.05 -5.06
C GLY C 102 8.73 15.99 -5.81
N THR C 103 9.99 16.04 -5.42
CA THR C 103 11.00 16.86 -6.07
C THR C 103 11.94 15.96 -6.85
N LYS C 104 11.98 16.15 -8.17
CA LYS C 104 12.83 15.34 -9.04
C LYS C 104 14.20 15.99 -9.12
N VAL C 105 15.15 15.44 -8.37
CA VAL C 105 16.53 15.93 -8.40
C VAL C 105 17.20 15.41 -9.66
N GLU C 106 17.49 16.31 -10.59
CA GLU C 106 18.09 15.96 -11.87
C GLU C 106 19.55 16.37 -11.91
N ILE C 107 20.30 15.75 -12.82
CA ILE C 107 21.72 16.05 -12.96
C ILE C 107 21.89 17.40 -13.65
N LYS C 108 22.89 18.16 -13.22
CA LYS C 108 23.20 19.46 -13.79
C LYS C 108 24.43 19.32 -14.68
N ARG C 109 24.23 19.40 -15.99
CA ARG C 109 25.30 19.27 -16.97
C ARG C 109 25.34 20.52 -17.85
N THR C 110 26.34 20.58 -18.71
CA THR C 110 26.50 21.71 -19.61
C THR C 110 25.36 21.74 -20.63
N VAL C 111 24.92 22.96 -20.96
CA VAL C 111 23.84 23.12 -21.93
C VAL C 111 24.34 22.77 -23.32
N ALA C 112 23.60 21.91 -24.01
CA ALA C 112 23.95 21.47 -25.36
C ALA C 112 22.79 21.76 -26.32
N ALA C 113 23.12 21.78 -27.61
CA ALA C 113 22.13 22.04 -28.65
C ALA C 113 21.59 20.73 -29.22
N PRO C 114 20.29 20.66 -29.49
CA PRO C 114 19.72 19.42 -30.02
C PRO C 114 19.95 19.26 -31.51
N SER C 115 19.46 18.17 -32.09
CA SER C 115 19.60 17.88 -33.51
C SER C 115 18.22 17.58 -34.08
N VAL C 116 17.86 18.27 -35.15
CA VAL C 116 16.54 18.14 -35.76
C VAL C 116 16.62 17.12 -36.89
N PHE C 117 15.68 16.17 -36.91
CA PHE C 117 15.57 15.19 -37.98
C PHE C 117 14.11 15.07 -38.39
N ILE C 118 13.90 14.76 -39.66
CA ILE C 118 12.57 14.60 -40.24
C ILE C 118 12.49 13.23 -40.89
N PHE C 119 11.40 12.51 -40.62
CA PHE C 119 11.16 11.18 -41.18
C PHE C 119 9.93 11.22 -42.07
N PRO C 120 10.08 11.50 -43.36
CA PRO C 120 8.92 11.50 -44.27
C PRO C 120 8.38 10.10 -44.45
N PRO C 121 7.11 9.97 -44.84
CA PRO C 121 6.54 8.63 -45.07
C PRO C 121 7.16 7.94 -46.28
N SER C 122 6.71 6.71 -46.57
CA SER C 122 7.24 5.94 -47.68
C SER C 122 6.11 5.31 -48.48
N ASP C 123 6.47 4.40 -49.40
CA ASP C 123 5.44 3.75 -50.22
C ASP C 123 4.49 2.93 -49.37
N GLU C 124 5.01 2.29 -48.31
CA GLU C 124 4.16 1.52 -47.41
C GLU C 124 3.47 2.38 -46.37
N GLN C 125 3.85 3.66 -46.25
CA GLN C 125 3.25 4.58 -45.30
C GLN C 125 2.24 5.52 -45.93
N LEU C 126 2.48 5.94 -47.18
CA LEU C 126 1.53 6.81 -47.86
C LEU C 126 0.21 6.08 -48.13
N LYS C 127 0.28 4.94 -48.81
CA LYS C 127 -0.92 4.15 -49.11
C LYS C 127 -1.28 3.24 -47.95
N SER C 128 -1.42 3.82 -46.75
CA SER C 128 -1.80 3.07 -45.57
C SER C 128 -2.77 3.82 -44.66
N GLY C 129 -2.95 5.12 -44.84
CA GLY C 129 -3.81 5.90 -43.98
C GLY C 129 -3.23 6.28 -42.64
N THR C 130 -1.98 5.89 -42.37
CA THR C 130 -1.30 6.19 -41.11
C THR C 130 0.06 6.81 -41.38
N ALA C 131 0.10 7.78 -42.29
CA ALA C 131 1.34 8.47 -42.60
C ALA C 131 1.83 9.26 -41.39
N SER C 132 2.99 8.89 -40.87
CA SER C 132 3.54 9.49 -39.66
C SER C 132 4.83 10.22 -39.99
N VAL C 133 4.92 11.48 -39.54
CA VAL C 133 6.12 12.29 -39.70
C VAL C 133 6.68 12.54 -38.30
N VAL C 134 7.88 12.01 -38.06
CA VAL C 134 8.50 12.05 -36.73
C VAL C 134 9.59 13.11 -36.73
N CYS C 135 9.58 13.97 -35.71
CA CYS C 135 10.61 14.99 -35.51
C CYS C 135 11.10 14.87 -34.07
N LEU C 136 12.37 14.51 -33.91
CA LEU C 136 12.94 14.26 -32.60
C LEU C 136 14.15 15.16 -32.36
N LEU C 137 14.44 15.40 -31.09
CA LEU C 137 15.62 16.15 -30.66
C LEU C 137 16.47 15.25 -29.79
N ASN C 138 17.79 15.30 -29.99
CA ASN C 138 18.72 14.44 -29.28
C ASN C 138 19.86 15.25 -28.67
N ASN C 139 20.37 14.78 -27.53
CA ASN C 139 21.55 15.34 -26.87
C ASN C 139 21.35 16.82 -26.53
N PHE C 140 20.37 17.07 -25.66
CA PHE C 140 20.10 18.39 -25.14
C PHE C 140 19.87 18.30 -23.64
N TYR C 141 20.47 19.25 -22.91
CA TYR C 141 20.36 19.26 -21.45
C TYR C 141 19.02 19.83 -20.97
N PRO C 142 18.55 21.00 -21.47
CA PRO C 142 17.25 21.51 -21.02
C PRO C 142 16.12 20.64 -21.54
N ARG C 143 15.53 19.83 -20.65
CA ARG C 143 14.47 18.92 -21.05
C ARG C 143 13.20 19.67 -21.42
N GLU C 144 13.03 20.90 -20.96
CA GLU C 144 11.88 21.70 -21.36
C GLU C 144 12.02 22.10 -22.83
N ALA C 145 11.04 21.69 -23.64
CA ALA C 145 11.09 21.93 -25.06
C ALA C 145 9.76 22.48 -25.54
N LYS C 146 9.81 23.31 -26.59
CA LYS C 146 8.62 23.91 -27.18
C LYS C 146 8.51 23.52 -28.65
N VAL C 147 8.68 22.23 -28.94
CA VAL C 147 8.66 21.74 -30.31
C VAL C 147 7.40 22.21 -31.01
N GLN C 148 7.57 22.85 -32.17
CA GLN C 148 6.48 23.44 -32.92
C GLN C 148 6.44 22.85 -34.32
N TRP C 149 5.38 23.20 -35.07
CA TRP C 149 5.17 22.71 -36.42
C TRP C 149 4.67 23.84 -37.29
N LYS C 150 4.63 23.59 -38.59
CA LYS C 150 4.25 24.58 -39.60
C LYS C 150 3.29 23.98 -40.61
N VAL C 151 2.21 23.36 -40.13
CA VAL C 151 1.38 22.55 -41.01
C VAL C 151 0.45 23.43 -41.84
N ASP C 152 0.99 23.95 -42.94
CA ASP C 152 0.27 24.47 -44.09
C ASP C 152 -0.45 25.80 -43.87
N ASN C 153 -0.61 26.23 -42.62
CA ASN C 153 -1.12 27.59 -42.40
C ASN C 153 -0.48 28.33 -41.24
N ALA C 154 0.00 27.64 -40.20
CA ALA C 154 0.42 28.28 -38.96
C ALA C 154 1.09 27.22 -38.10
N LEU C 155 1.37 27.57 -36.84
CA LEU C 155 1.85 26.61 -35.85
C LEU C 155 0.68 25.72 -35.46
N GLN C 156 0.38 24.76 -36.33
CA GLN C 156 -0.77 23.88 -36.17
C GLN C 156 -0.30 22.54 -35.62
N SER C 157 -0.81 22.17 -34.44
CA SER C 157 -0.42 20.91 -33.84
C SER C 157 -1.11 19.73 -34.52
N GLY C 158 -2.44 19.70 -34.49
CA GLY C 158 -3.19 18.63 -35.09
C GLY C 158 -2.89 17.27 -34.49
N ASN C 159 -2.24 16.40 -35.27
CA ASN C 159 -1.83 15.08 -34.80
C ASN C 159 -0.40 15.05 -34.32
N SER C 160 0.33 16.16 -34.39
CA SER C 160 1.71 16.24 -33.97
C SER C 160 1.84 16.56 -32.48
N GLN C 161 0.73 16.57 -31.74
CA GLN C 161 0.74 16.86 -30.31
C GLN C 161 0.93 15.61 -29.46
N GLU C 162 1.60 14.58 -30.01
CA GLU C 162 1.81 13.35 -29.25
C GLU C 162 2.67 13.60 -28.02
N SER C 163 3.75 14.36 -28.18
CA SER C 163 4.63 14.76 -27.08
C SER C 163 5.18 13.53 -26.36
N VAL C 164 5.96 12.75 -27.11
CA VAL C 164 6.59 11.57 -26.55
C VAL C 164 7.55 11.96 -25.45
N THR C 165 7.47 11.26 -24.32
CA THR C 165 8.30 11.58 -23.16
C THR C 165 9.76 11.22 -23.43
N GLU C 166 10.60 11.51 -22.45
CA GLU C 166 12.04 11.24 -22.56
C GLU C 166 12.58 10.91 -21.18
N GLN C 167 13.89 10.67 -21.10
CA GLN C 167 14.54 10.36 -19.84
C GLN C 167 16.04 10.63 -20.00
N ASP C 168 16.72 10.71 -18.86
CA ASP C 168 18.15 11.01 -18.86
C ASP C 168 18.95 9.80 -19.32
N SER C 169 20.27 9.94 -19.31
CA SER C 169 21.17 8.90 -19.76
C SER C 169 22.47 8.98 -18.95
N LYS C 170 23.51 8.29 -19.43
CA LYS C 170 24.79 8.32 -18.74
C LYS C 170 25.47 9.67 -18.88
N ASP C 171 25.33 10.32 -20.04
CA ASP C 171 25.92 11.61 -20.29
C ASP C 171 25.02 12.77 -19.87
N SER C 172 23.98 12.49 -19.09
CA SER C 172 23.08 13.52 -18.55
C SER C 172 22.42 14.31 -19.68
N THR C 173 21.92 13.60 -20.69
CA THR C 173 21.24 14.22 -21.82
C THR C 173 19.87 13.60 -21.99
N TYR C 174 18.97 14.36 -22.60
CA TYR C 174 17.61 13.92 -22.88
C TYR C 174 17.40 13.83 -24.39
N SER C 175 16.37 13.07 -24.78
CA SER C 175 16.05 12.90 -26.20
C SER C 175 14.56 12.56 -26.30
N LEU C 176 13.77 13.53 -26.74
CA LEU C 176 12.33 13.33 -26.93
C LEU C 176 12.04 13.14 -28.42
N SER C 177 10.75 13.03 -28.73
CA SER C 177 10.30 12.85 -30.10
C SER C 177 8.84 13.26 -30.20
N SER C 178 8.32 13.24 -31.42
CA SER C 178 6.93 13.60 -31.68
C SER C 178 6.53 13.05 -33.03
N THR C 179 5.48 12.23 -33.07
CA THR C 179 5.01 11.62 -34.29
C THR C 179 3.74 12.30 -34.79
N LEU C 180 3.42 12.05 -36.06
CA LEU C 180 2.25 12.62 -36.72
C LEU C 180 1.30 11.52 -37.17
N THR C 181 0.13 11.95 -37.64
CA THR C 181 -0.87 11.03 -38.18
C THR C 181 -1.62 11.75 -39.28
N LEU C 182 -1.59 11.19 -40.49
CA LEU C 182 -2.18 11.85 -41.64
C LEU C 182 -3.17 10.94 -42.35
N SER C 183 -3.66 11.36 -43.51
CA SER C 183 -4.66 10.65 -44.27
C SER C 183 -4.01 9.88 -45.41
N LYS C 184 -4.84 9.33 -46.31
CA LYS C 184 -4.34 8.52 -47.41
C LYS C 184 -3.36 9.29 -48.29
N ALA C 185 -3.75 10.50 -48.71
CA ALA C 185 -2.92 11.28 -49.62
C ALA C 185 -2.86 12.75 -49.23
N ASP C 186 -2.92 13.05 -47.93
CA ASP C 186 -2.87 14.42 -47.45
C ASP C 186 -1.46 14.90 -47.14
N TYR C 187 -0.45 14.04 -47.29
CA TYR C 187 0.92 14.47 -47.04
C TYR C 187 1.51 15.20 -48.24
N GLU C 188 1.57 14.53 -49.39
CA GLU C 188 2.13 15.16 -50.59
C GLU C 188 1.21 16.19 -51.20
N LYS C 189 -0.08 16.14 -50.89
CA LYS C 189 -1.01 17.13 -51.42
C LYS C 189 -0.84 18.49 -50.75
N HIS C 190 -0.46 18.50 -49.48
CA HIS C 190 -0.30 19.74 -48.74
C HIS C 190 1.11 20.30 -48.95
N LYS C 191 1.45 21.35 -48.21
CA LYS C 191 2.74 22.01 -48.36
C LYS C 191 3.80 21.27 -47.54
N VAL C 192 4.97 21.89 -47.40
CA VAL C 192 6.06 21.28 -46.66
C VAL C 192 5.77 21.34 -45.17
N TYR C 193 6.04 20.23 -44.47
CA TYR C 193 5.88 20.15 -43.03
C TYR C 193 7.23 20.40 -42.36
N ALA C 194 7.37 21.56 -41.73
CA ALA C 194 8.61 21.91 -41.05
C ALA C 194 8.53 21.55 -39.58
N CYS C 195 9.67 21.69 -38.89
CA CYS C 195 9.75 21.37 -37.47
C CYS C 195 10.79 22.28 -36.81
N GLU C 196 10.39 22.93 -35.72
CA GLU C 196 11.29 23.76 -34.94
C GLU C 196 10.99 23.57 -33.46
N VAL C 197 11.87 24.09 -32.62
CA VAL C 197 11.73 23.99 -31.17
C VAL C 197 12.41 25.20 -30.53
N THR C 198 11.72 25.83 -29.58
CA THR C 198 12.24 27.00 -28.88
C THR C 198 13.23 26.52 -27.82
N HIS C 199 14.46 26.27 -28.26
CA HIS C 199 15.52 25.82 -27.38
C HIS C 199 16.24 27.00 -26.75
N GLN C 200 16.98 26.72 -25.67
CA GLN C 200 17.75 27.75 -24.97
C GLN C 200 18.97 28.10 -25.81
N GLY C 201 18.76 28.98 -26.77
CA GLY C 201 19.81 29.40 -27.69
C GLY C 201 19.60 28.91 -29.11
N LEU C 202 18.62 28.06 -29.35
CA LEU C 202 18.31 27.52 -30.68
C LEU C 202 16.82 27.59 -30.93
N SER C 203 16.24 28.77 -30.68
CA SER C 203 14.79 28.94 -30.79
C SER C 203 14.29 28.71 -32.20
N SER C 204 15.12 28.98 -33.21
CA SER C 204 14.76 28.81 -34.62
C SER C 204 15.70 27.83 -35.29
N PRO C 205 15.56 26.54 -35.01
CA PRO C 205 16.42 25.55 -35.66
C PRO C 205 15.86 25.08 -37.00
N VAL C 206 16.61 25.34 -38.08
CA VAL C 206 16.23 24.90 -39.42
C VAL C 206 17.32 23.96 -39.91
N THR C 207 16.99 22.67 -40.00
CA THR C 207 17.95 21.66 -40.41
C THR C 207 17.21 20.43 -40.92
N LYS C 208 17.58 19.95 -42.09
CA LYS C 208 17.03 18.73 -42.68
C LYS C 208 15.52 18.84 -42.87
N SER C 209 15.12 19.81 -43.67
CA SER C 209 13.72 20.02 -44.04
C SER C 209 13.43 19.31 -45.37
N PHE C 210 12.34 18.56 -45.39
CA PHE C 210 11.95 17.77 -46.56
C PHE C 210 10.64 18.33 -47.10
N ASN C 211 10.67 18.79 -48.35
CA ASN C 211 9.50 19.37 -49.00
C ASN C 211 8.68 18.23 -49.61
N ARG C 212 7.50 17.99 -49.06
CA ARG C 212 6.59 16.95 -49.53
C ARG C 212 7.26 15.59 -49.60
#